data_5IXB
#
_entry.id   5IXB
#
_cell.length_a   47.440
_cell.length_b   47.480
_cell.length_c   87.490
_cell.angle_alpha   90.000
_cell.angle_beta   90.000
_cell.angle_gamma   90.000
#
_symmetry.space_group_name_H-M   'P 21 21 21'
#
loop_
_entity.id
_entity.type
_entity.pdbx_description
1 polymer 'Melanoma-derived growth regulatory protein'
2 non-polymer PYRIMIDIN-2-AMINE
3 non-polymer 'ACETATE ION'
4 water water
#
_entity_poly.entity_id   1
_entity_poly.type   'polypeptide(L)'
_entity_poly.pdbx_seq_one_letter_code
;MGPMPKLADRKLCADQECSHPISMAVALQDYMAPDCRFLTIHRGQVVYVFSKLKGRGRLFWGGSVQGDYYGDLAARLGYF
PSSIVREDQTLKPGKVDVKTDKWDFYCQ
;
_entity_poly.pdbx_strand_id   A,B
#
# COMPACT_ATOMS: atom_id res chain seq x y z
N MET A 4 -17.86 -0.54 8.62
CA MET A 4 -17.06 -0.26 7.44
C MET A 4 -17.96 0.04 6.23
N PRO A 5 -17.95 1.28 5.73
CA PRO A 5 -18.79 1.59 4.58
C PRO A 5 -18.35 0.80 3.36
N LYS A 6 -19.33 0.46 2.52
CA LYS A 6 -19.01 -0.15 1.23
C LYS A 6 -18.03 0.75 0.49
N LEU A 7 -17.10 0.14 -0.25
CA LEU A 7 -16.17 0.96 -1.02
C LEU A 7 -16.87 1.73 -2.13
N ALA A 8 -17.96 1.20 -2.65
CA ALA A 8 -18.70 1.83 -3.73
C ALA A 8 -20.12 1.34 -3.70
N ASP A 9 -21.02 2.18 -4.20
N ASP A 9 -21.02 2.17 -4.22
CA ASP A 9 -22.41 1.80 -4.34
CA ASP A 9 -22.43 1.80 -4.33
C ASP A 9 -22.71 1.09 -5.66
C ASP A 9 -22.78 1.21 -5.69
N ARG A 10 -21.89 1.28 -6.67
CA ARG A 10 -22.11 0.72 -7.99
C ARG A 10 -20.78 0.21 -8.54
N LYS A 11 -20.86 -0.65 -9.56
CA LYS A 11 -19.70 -1.25 -10.17
C LYS A 11 -20.00 -1.51 -11.63
N LEU A 12 -18.94 -1.70 -12.40
CA LEU A 12 -19.01 -2.10 -13.79
C LEU A 12 -18.52 -3.54 -13.91
N CYS A 13 -19.28 -4.37 -14.62
CA CYS A 13 -18.95 -5.76 -14.84
C CYS A 13 -19.14 -6.10 -16.31
N ALA A 14 -18.67 -7.28 -16.69
CA ALA A 14 -18.88 -7.79 -18.04
C ALA A 14 -20.26 -8.39 -18.21
N ASP A 15 -20.93 -8.73 -17.11
CA ASP A 15 -22.23 -9.37 -17.12
C ASP A 15 -22.89 -9.07 -15.79
N GLN A 16 -24.19 -9.33 -15.69
CA GLN A 16 -24.96 -8.96 -14.51
C GLN A 16 -24.43 -9.61 -13.23
N GLU A 17 -23.87 -10.81 -13.32
CA GLU A 17 -23.37 -11.53 -12.15
C GLU A 17 -21.89 -11.32 -11.91
N CYS A 18 -21.24 -10.53 -12.76
CA CYS A 18 -19.80 -10.32 -12.70
C CYS A 18 -19.05 -11.64 -12.73
N SER A 19 -19.55 -12.62 -13.47
CA SER A 19 -18.91 -13.93 -13.50
C SER A 19 -17.85 -14.05 -14.58
N HIS A 20 -17.94 -13.24 -15.65
CA HIS A 20 -16.97 -13.30 -16.73
C HIS A 20 -15.89 -12.25 -16.51
N PRO A 21 -14.63 -12.55 -16.74
CA PRO A 21 -13.60 -11.52 -16.57
C PRO A 21 -13.71 -10.43 -17.61
N ILE A 22 -13.42 -9.20 -17.17
CA ILE A 22 -13.32 -8.05 -18.06
C ILE A 22 -11.99 -8.04 -18.81
N SER A 23 -10.88 -8.26 -18.10
CA SER A 23 -9.56 -8.09 -18.69
C SER A 23 -8.53 -8.92 -17.95
N MET A 24 -7.41 -9.12 -18.63
CA MET A 24 -6.21 -9.69 -18.07
C MET A 24 -5.18 -8.57 -17.96
N ALA A 25 -4.54 -8.47 -16.79
CA ALA A 25 -3.58 -7.40 -16.54
C ALA A 25 -2.34 -7.94 -15.85
N VAL A 26 -1.25 -7.16 -15.96
CA VAL A 26 0.01 -7.50 -15.32
C VAL A 26 0.36 -6.40 -14.31
N ALA A 27 0.78 -6.80 -13.11
CA ALA A 27 1.17 -5.85 -12.08
C ALA A 27 2.47 -5.15 -12.40
N LEU A 28 2.44 -3.82 -12.30
CA LEU A 28 3.62 -2.96 -12.45
C LEU A 28 4.24 -2.51 -11.13
N GLN A 29 3.52 -2.65 -10.05
CA GLN A 29 3.94 -2.26 -8.72
C GLN A 29 3.49 -3.31 -7.72
N ASP A 30 4.22 -3.40 -6.59
CA ASP A 30 3.75 -4.17 -5.45
C ASP A 30 2.61 -3.47 -4.75
N TYR A 31 1.75 -4.25 -4.09
CA TYR A 31 0.67 -3.71 -3.27
C TYR A 31 0.30 -4.76 -2.23
N MET A 32 0.41 -4.42 -0.96
CA MET A 32 -0.02 -5.33 0.09
C MET A 32 -1.39 -4.93 0.61
N ALA A 33 -2.28 -5.92 0.70
CA ALA A 33 -3.64 -5.64 1.15
C ALA A 33 -3.65 -5.01 2.52
N PRO A 34 -4.32 -3.86 2.71
CA PRO A 34 -4.40 -3.29 4.07
C PRO A 34 -5.42 -3.96 4.96
N ASP A 35 -6.35 -4.71 4.40
CA ASP A 35 -7.32 -5.49 5.16
C ASP A 35 -7.84 -6.60 4.25
N CYS A 36 -8.70 -7.46 4.82
CA CYS A 36 -9.11 -8.66 4.10
C CYS A 36 -9.87 -8.37 2.82
N ARG A 37 -10.36 -7.15 2.61
CA ARG A 37 -11.10 -6.88 1.39
C ARG A 37 -10.20 -6.79 0.15
N PHE A 38 -8.91 -6.63 0.35
CA PHE A 38 -7.97 -6.30 -0.72
C PHE A 38 -7.10 -7.49 -1.08
N LEU A 39 -6.54 -7.44 -2.29
CA LEU A 39 -5.60 -8.42 -2.79
C LEU A 39 -4.19 -7.98 -2.53
N THR A 40 -3.31 -8.93 -2.30
CA THR A 40 -1.87 -8.67 -2.25
C THR A 40 -1.27 -9.10 -3.58
N ILE A 41 -0.49 -8.20 -4.17
CA ILE A 41 0.06 -8.37 -5.51
C ILE A 41 1.52 -7.96 -5.52
N HIS A 42 2.32 -8.61 -6.37
CA HIS A 42 3.71 -8.22 -6.59
C HIS A 42 3.97 -7.97 -8.06
N ARG A 43 4.98 -7.13 -8.33
CA ARG A 43 5.36 -6.85 -9.72
C ARG A 43 5.47 -8.14 -10.54
N GLY A 44 4.89 -8.11 -11.73
CA GLY A 44 4.96 -9.23 -12.68
C GLY A 44 3.83 -10.21 -12.59
N GLN A 45 3.10 -10.24 -11.46
CA GLN A 45 1.97 -11.15 -11.34
C GLN A 45 0.85 -10.74 -12.29
N VAL A 46 0.09 -11.74 -12.72
CA VAL A 46 -1.08 -11.55 -13.58
C VAL A 46 -2.32 -11.51 -12.72
N VAL A 47 -3.20 -10.56 -13.02
CA VAL A 47 -4.48 -10.39 -12.35
C VAL A 47 -5.57 -10.45 -13.41
N TYR A 48 -6.62 -11.22 -13.15
CA TYR A 48 -7.83 -11.18 -13.95
C TYR A 48 -8.84 -10.28 -13.25
N VAL A 49 -9.31 -9.25 -13.98
CA VAL A 49 -10.20 -8.23 -13.46
C VAL A 49 -11.63 -8.64 -13.75
N PHE A 50 -12.45 -8.73 -12.69
CA PHE A 50 -13.87 -9.07 -12.82
C PHE A 50 -14.82 -7.90 -12.56
N SER A 51 -14.37 -6.84 -11.91
CA SER A 51 -15.23 -5.69 -11.70
C SER A 51 -14.38 -4.44 -11.60
N LYS A 52 -14.99 -3.31 -11.90
CA LYS A 52 -14.37 -1.99 -11.77
C LYS A 52 -15.33 -1.11 -10.98
N LEU A 53 -14.93 -0.68 -9.80
CA LEU A 53 -15.88 0.05 -8.97
C LEU A 53 -16.14 1.43 -9.55
N LYS A 54 -17.37 1.89 -9.34
N LYS A 54 -17.26 2.02 -9.17
CA LYS A 54 -17.82 3.25 -9.58
CA LYS A 54 -17.61 3.37 -9.64
C LYS A 54 -18.04 3.91 -8.22
C LYS A 54 -17.59 4.37 -8.50
N GLY A 55 -18.88 4.94 -8.19
N GLY A 55 -17.82 5.63 -8.85
CA GLY A 55 -19.13 5.61 -6.93
CA GLY A 55 -18.12 6.61 -7.82
C GLY A 55 -17.88 6.22 -6.35
C GLY A 55 -16.97 6.73 -6.85
N ARG A 56 -17.72 6.10 -5.05
N ARG A 56 -17.30 6.63 -5.55
CA ARG A 56 -16.56 6.67 -4.36
CA ARG A 56 -16.34 6.83 -4.47
C ARG A 56 -15.37 5.74 -4.34
C ARG A 56 -15.28 5.73 -4.37
N GLY A 57 -15.50 4.58 -4.98
CA GLY A 57 -14.50 3.53 -4.98
C GLY A 57 -13.75 3.36 -6.29
N ARG A 58 -13.79 4.35 -7.19
CA ARG A 58 -13.37 4.12 -8.57
C ARG A 58 -11.88 3.96 -8.75
N LEU A 59 -11.07 4.21 -7.71
CA LEU A 59 -9.66 3.86 -7.80
C LEU A 59 -9.42 2.37 -7.77
N PHE A 60 -10.43 1.59 -7.38
CA PHE A 60 -10.27 0.16 -7.12
C PHE A 60 -11.02 -0.72 -8.12
N TRP A 61 -10.36 -1.81 -8.50
CA TRP A 61 -10.90 -2.87 -9.30
C TRP A 61 -10.90 -4.16 -8.47
N GLY A 62 -11.74 -5.09 -8.86
CA GLY A 62 -11.86 -6.37 -8.17
C GLY A 62 -11.43 -7.51 -9.09
N GLY A 63 -10.71 -8.46 -8.55
CA GLY A 63 -10.27 -9.58 -9.36
C GLY A 63 -9.53 -10.61 -8.54
N SER A 64 -8.80 -11.47 -9.26
CA SER A 64 -8.08 -12.59 -8.66
C SER A 64 -6.70 -12.71 -9.29
N VAL A 65 -5.76 -13.29 -8.53
CA VAL A 65 -4.37 -13.44 -8.93
C VAL A 65 -4.13 -14.80 -9.57
N GLN A 66 -3.48 -14.79 -10.73
CA GLN A 66 -3.11 -16.03 -11.39
C GLN A 66 -1.99 -16.73 -10.62
N GLY A 67 -2.08 -18.06 -10.56
CA GLY A 67 -1.07 -18.88 -9.92
C GLY A 67 0.10 -19.23 -10.83
N ASP A 68 0.86 -20.25 -10.40
CA ASP A 68 2.11 -20.64 -11.06
C ASP A 68 1.91 -21.63 -12.21
N TYR A 69 0.88 -22.47 -12.16
CA TYR A 69 0.63 -23.45 -13.21
C TYR A 69 -0.30 -22.85 -14.25
N TYR A 70 -0.13 -23.28 -15.50
CA TYR A 70 -1.00 -22.84 -16.58
C TYR A 70 -2.45 -23.08 -16.20
N GLY A 71 -3.26 -22.04 -16.34
CA GLY A 71 -4.68 -22.14 -16.11
C GLY A 71 -5.14 -21.89 -14.69
N ASP A 72 -4.22 -21.68 -13.76
CA ASP A 72 -4.58 -21.55 -12.34
C ASP A 72 -4.96 -20.09 -12.03
N LEU A 73 -6.10 -19.91 -11.38
CA LEU A 73 -6.56 -18.62 -10.93
C LEU A 73 -7.06 -18.79 -9.50
N ALA A 74 -6.52 -18.04 -8.54
CA ALA A 74 -7.02 -18.17 -7.17
C ALA A 74 -8.53 -17.94 -7.10
N ALA A 75 -9.20 -18.71 -6.24
CA ALA A 75 -10.65 -18.60 -6.14
C ALA A 75 -11.08 -17.28 -5.51
N ARG A 76 -10.26 -16.74 -4.61
CA ARG A 76 -10.62 -15.54 -3.88
CA ARG A 76 -10.62 -15.53 -3.87
C ARG A 76 -10.61 -14.30 -4.77
N LEU A 77 -11.63 -13.49 -4.62
CA LEU A 77 -11.71 -12.16 -5.21
C LEU A 77 -11.28 -11.15 -4.16
N GLY A 78 -10.63 -10.09 -4.61
CA GLY A 78 -10.33 -8.96 -3.75
C GLY A 78 -10.11 -7.71 -4.57
N TYR A 79 -10.03 -6.57 -3.88
CA TYR A 79 -9.87 -5.28 -4.52
C TYR A 79 -8.40 -4.84 -4.52
N PHE A 80 -8.05 -4.02 -5.49
CA PHE A 80 -6.71 -3.46 -5.58
C PHE A 80 -6.78 -2.17 -6.39
N PRO A 81 -5.81 -1.28 -6.26
CA PRO A 81 -5.83 -0.04 -7.06
C PRO A 81 -5.58 -0.34 -8.51
N SER A 82 -6.44 0.18 -9.38
CA SER A 82 -6.27 -0.04 -10.81
C SER A 82 -4.89 0.41 -11.29
N SER A 83 -4.32 1.44 -10.68
N SER A 83 -4.32 1.44 -10.66
CA SER A 83 -3.08 1.99 -11.18
CA SER A 83 -3.08 2.04 -11.11
C SER A 83 -1.90 1.04 -11.09
C SER A 83 -1.87 1.15 -10.94
N ILE A 84 -1.98 0.01 -10.24
CA ILE A 84 -0.83 -0.87 -10.09
C ILE A 84 -0.72 -1.88 -11.22
N VAL A 85 -1.72 -1.94 -12.13
CA VAL A 85 -1.68 -2.92 -13.21
C VAL A 85 -1.72 -2.25 -14.57
N ARG A 86 -1.24 -3.00 -15.56
CA ARG A 86 -1.36 -2.69 -16.99
C ARG A 86 -2.30 -3.70 -17.63
N GLU A 87 -3.44 -3.23 -18.15
CA GLU A 87 -4.35 -4.14 -18.85
C GLU A 87 -3.74 -4.55 -20.16
N ASP A 88 -3.61 -5.85 -20.38
CA ASP A 88 -2.97 -6.37 -21.58
C ASP A 88 -3.96 -6.95 -22.59
N GLN A 89 -5.12 -7.41 -22.14
CA GLN A 89 -6.15 -7.93 -23.03
CA GLN A 89 -6.14 -7.92 -23.04
C GLN A 89 -7.51 -7.57 -22.47
N THR A 90 -8.35 -6.90 -23.26
CA THR A 90 -9.75 -6.73 -22.92
C THR A 90 -10.48 -7.96 -23.37
N LEU A 91 -11.05 -8.67 -22.42
CA LEU A 91 -11.73 -9.93 -22.69
C LEU A 91 -13.19 -9.70 -23.02
N LYS A 92 -13.84 -8.81 -22.33
CA LYS A 92 -15.25 -8.50 -22.54
C LYS A 92 -15.44 -7.08 -22.03
N PRO A 93 -16.11 -6.20 -22.76
CA PRO A 93 -16.28 -4.82 -22.28
C PRO A 93 -16.89 -4.81 -20.89
N GLY A 94 -16.34 -4.00 -20.02
CA GLY A 94 -16.91 -3.86 -18.70
C GLY A 94 -17.93 -2.73 -18.66
N LYS A 95 -19.10 -2.95 -19.25
CA LYS A 95 -20.06 -1.86 -19.40
C LYS A 95 -21.42 -2.16 -18.78
N VAL A 96 -21.56 -3.27 -18.05
CA VAL A 96 -22.79 -3.57 -17.33
C VAL A 96 -22.71 -2.86 -15.98
N ASP A 97 -23.59 -1.90 -15.76
CA ASP A 97 -23.58 -1.04 -14.58
C ASP A 97 -24.55 -1.62 -13.55
N VAL A 98 -24.00 -2.10 -12.45
CA VAL A 98 -24.70 -2.90 -11.43
C VAL A 98 -24.54 -2.23 -10.07
N LYS A 99 -25.58 -2.30 -9.25
CA LYS A 99 -25.42 -1.93 -7.85
C LYS A 99 -24.52 -2.93 -7.16
N THR A 100 -23.72 -2.48 -6.21
CA THR A 100 -22.96 -3.44 -5.43
C THR A 100 -23.87 -4.05 -4.38
N ASP A 101 -23.61 -5.32 -4.06
CA ASP A 101 -24.35 -6.07 -3.04
C ASP A 101 -23.46 -6.31 -1.82
N LYS A 102 -24.01 -6.97 -0.80
CA LYS A 102 -23.27 -7.16 0.44
C LYS A 102 -22.20 -8.22 0.31
N TRP A 103 -22.42 -9.22 -0.53
CA TRP A 103 -21.36 -10.16 -0.82
C TRP A 103 -20.11 -9.43 -1.35
N ASP A 104 -20.29 -8.24 -1.98
CA ASP A 104 -19.19 -7.61 -2.73
C ASP A 104 -18.09 -7.06 -1.84
N PHE A 105 -18.35 -6.81 -0.56
CA PHE A 105 -17.30 -6.33 0.34
C PHE A 105 -17.11 -7.26 1.53
N TYR A 106 -17.63 -8.48 1.43
CA TYR A 106 -17.43 -9.49 2.44
C TYR A 106 -16.18 -10.29 2.07
N CYS A 107 -15.29 -10.48 3.03
CA CYS A 107 -13.98 -11.02 2.71
C CYS A 107 -14.05 -12.48 2.33
N GLN A 108 -13.28 -12.86 1.30
CA GLN A 108 -13.24 -14.22 0.83
C GLN A 108 -11.88 -14.85 1.10
N MET B 4 -8.16 11.86 13.72
CA MET B 4 -7.21 10.82 13.37
C MET B 4 -6.30 10.51 14.57
N PRO B 5 -6.40 9.30 15.14
CA PRO B 5 -5.54 8.98 16.28
C PRO B 5 -4.08 8.96 15.87
N LYS B 6 -3.22 9.36 16.80
CA LYS B 6 -1.79 9.20 16.57
C LYS B 6 -1.50 7.76 16.23
N LEU B 7 -0.52 7.54 15.33
CA LEU B 7 -0.16 6.16 15.00
C LEU B 7 0.45 5.44 16.18
N ALA B 8 1.10 6.16 17.08
CA ALA B 8 1.77 5.57 18.23
C ALA B 8 1.91 6.62 19.31
N ASP B 9 1.95 6.14 20.55
N ASP B 9 1.95 6.15 20.55
CA ASP B 9 2.18 7.01 21.69
CA ASP B 9 2.18 7.04 21.68
C ASP B 9 3.67 7.24 21.96
C ASP B 9 3.63 7.12 22.12
N ARG B 10 4.52 6.30 21.56
CA ARG B 10 5.94 6.34 21.85
C ARG B 10 6.70 5.92 20.60
N LYS B 11 7.99 6.26 20.57
CA LYS B 11 8.86 5.97 19.45
C LYS B 11 10.27 5.76 19.98
N LEU B 12 11.08 5.13 19.14
CA LEU B 12 12.51 4.95 19.37
C LEU B 12 13.29 5.82 18.40
N CYS B 13 14.26 6.56 18.94
CA CYS B 13 15.10 7.45 18.15
C CYS B 13 16.55 7.23 18.55
N ALA B 14 17.44 7.81 17.75
CA ALA B 14 18.86 7.80 18.07
C ALA B 14 19.24 8.84 19.10
N ASP B 15 18.39 9.84 19.31
CA ASP B 15 18.64 10.95 20.22
C ASP B 15 17.28 11.53 20.60
N GLN B 16 17.28 12.38 21.64
CA GLN B 16 16.03 12.90 22.17
C GLN B 16 15.21 13.66 21.13
N GLU B 17 15.87 14.32 20.18
CA GLU B 17 15.17 15.13 19.20
C GLU B 17 14.92 14.38 17.90
N CYS B 18 15.35 13.13 17.83
CA CYS B 18 15.24 12.33 16.62
C CYS B 18 15.91 13.03 15.45
N SER B 19 17.01 13.76 15.70
CA SER B 19 17.65 14.50 14.63
C SER B 19 18.70 13.67 13.89
N HIS B 20 19.25 12.65 14.50
CA HIS B 20 20.29 11.83 13.88
C HIS B 20 19.65 10.58 13.29
N PRO B 21 20.06 10.17 12.12
CA PRO B 21 19.46 8.96 11.55
C PRO B 21 19.90 7.72 12.32
N ILE B 22 18.95 6.78 12.44
CA ILE B 22 19.22 5.47 13.02
C ILE B 22 19.91 4.55 12.01
N SER B 23 19.43 4.51 10.76
CA SER B 23 19.93 3.56 9.79
C SER B 23 19.70 4.05 8.37
N MET B 24 20.45 3.44 7.46
CA MET B 24 20.25 3.56 6.02
C MET B 24 19.68 2.25 5.54
N ALA B 25 18.62 2.32 4.72
CA ALA B 25 17.94 1.13 4.23
C ALA B 25 17.62 1.27 2.75
N VAL B 26 17.40 0.11 2.09
CA VAL B 26 17.05 0.05 0.68
C VAL B 26 15.67 -0.58 0.56
N ALA B 27 14.80 0.03 -0.26
CA ALA B 27 13.47 -0.52 -0.47
C ALA B 27 13.48 -1.80 -1.30
N LEU B 28 12.79 -2.80 -0.78
CA LEU B 28 12.56 -4.09 -1.46
C LEU B 28 11.21 -4.21 -2.15
N GLN B 29 10.27 -3.35 -1.79
CA GLN B 29 8.94 -3.34 -2.36
C GLN B 29 8.50 -1.90 -2.58
N ASP B 30 7.57 -1.73 -3.51
CA ASP B 30 6.89 -0.45 -3.68
C ASP B 30 5.89 -0.22 -2.58
N TYR B 31 5.65 1.05 -2.26
CA TYR B 31 4.63 1.43 -1.28
C TYR B 31 4.16 2.83 -1.61
N MET B 32 2.89 3.00 -1.85
CA MET B 32 2.34 4.34 -2.08
C MET B 32 1.66 4.84 -0.82
N ALA B 33 1.98 6.06 -0.42
CA ALA B 33 1.41 6.62 0.79
C ALA B 33 -0.11 6.66 0.71
N PRO B 34 -0.83 6.13 1.71
CA PRO B 34 -2.29 6.23 1.67
C PRO B 34 -2.82 7.55 2.11
N ASP B 35 -2.02 8.37 2.78
CA ASP B 35 -2.40 9.73 3.17
C ASP B 35 -1.11 10.50 3.42
N CYS B 36 -1.25 11.80 3.70
CA CYS B 36 -0.07 12.66 3.78
C CYS B 36 0.91 12.28 4.88
N ARG B 37 0.53 11.44 5.84
CA ARG B 37 1.46 11.08 6.91
C ARG B 37 2.56 10.14 6.41
N PHE B 38 2.35 9.50 5.27
CA PHE B 38 3.18 8.39 4.82
C PHE B 38 4.09 8.82 3.67
N LEU B 39 5.15 8.05 3.49
CA LEU B 39 6.08 8.22 2.39
C LEU B 39 5.70 7.32 1.24
N THR B 40 5.99 7.76 0.05
CA THR B 40 5.87 6.96 -1.16
C THR B 40 7.27 6.50 -1.56
N ILE B 41 7.42 5.21 -1.77
CA ILE B 41 8.72 4.57 -2.01
C ILE B 41 8.58 3.58 -3.15
N HIS B 42 9.68 3.41 -3.91
CA HIS B 42 9.74 2.37 -4.95
C HIS B 42 10.95 1.49 -4.76
N ARG B 43 10.85 0.25 -5.27
CA ARG B 43 11.97 -0.68 -5.14
C ARG B 43 13.29 -0.02 -5.55
N GLY B 44 14.32 -0.25 -4.73
CA GLY B 44 15.66 0.23 -5.01
C GLY B 44 15.97 1.59 -4.42
N GLN B 45 14.96 2.38 -4.08
CA GLN B 45 15.23 3.66 -3.42
C GLN B 45 15.84 3.48 -2.03
N VAL B 46 16.64 4.45 -1.65
CA VAL B 46 17.28 4.49 -0.33
C VAL B 46 16.46 5.36 0.60
N VAL B 47 16.25 4.86 1.81
CA VAL B 47 15.54 5.57 2.86
C VAL B 47 16.46 5.70 4.07
N TYR B 48 16.55 6.89 4.65
CA TYR B 48 17.19 7.09 5.93
C TYR B 48 16.12 7.10 7.02
N VAL B 49 16.30 6.22 8.00
CA VAL B 49 15.33 5.99 9.06
C VAL B 49 15.71 6.85 10.25
N PHE B 50 14.78 7.71 10.69
CA PHE B 50 15.00 8.57 11.85
C PHE B 50 14.22 8.14 13.08
N SER B 51 13.15 7.38 12.94
CA SER B 51 12.42 6.92 14.11
C SER B 51 11.80 5.57 13.82
N LYS B 52 11.51 4.81 14.87
CA LYS B 52 10.81 3.53 14.79
C LYS B 52 9.68 3.57 15.80
N LEU B 53 8.45 3.51 15.33
CA LEU B 53 7.34 3.67 16.28
C LEU B 53 7.20 2.46 17.17
N LYS B 54 6.63 2.70 18.37
N LYS B 54 6.69 2.68 18.38
CA LYS B 54 6.24 1.64 19.30
CA LYS B 54 6.50 1.60 19.34
C LYS B 54 4.74 1.65 19.51
C LYS B 54 5.03 1.24 19.44
N GLY B 55 4.25 1.38 20.72
N GLY B 55 4.76 0.08 20.07
CA GLY B 55 2.81 1.41 20.90
CA GLY B 55 3.40 -0.24 20.48
C GLY B 55 2.10 0.57 19.87
C GLY B 55 2.48 -0.38 19.29
N ARG B 56 1.02 1.10 19.34
N ARG B 56 1.36 0.37 19.32
CA ARG B 56 0.21 0.42 18.34
CA ARG B 56 0.31 0.19 18.31
C ARG B 56 0.66 0.70 16.91
C ARG B 56 0.74 0.58 16.90
N GLY B 57 1.76 1.41 16.77
CA GLY B 57 2.27 1.81 15.47
C GLY B 57 3.54 1.11 15.04
N ARG B 58 3.89 -0.03 15.67
CA ARG B 58 5.25 -0.58 15.54
C ARG B 58 5.53 -1.19 14.18
N LEU B 59 4.53 -1.35 13.32
CA LEU B 59 4.82 -1.73 11.93
C LEU B 59 5.48 -0.63 11.13
N PHE B 60 5.45 0.60 11.63
CA PHE B 60 5.86 1.78 10.88
C PHE B 60 7.11 2.42 11.44
N TRP B 61 7.98 2.84 10.52
CA TRP B 61 9.16 3.63 10.78
C TRP B 61 9.00 4.99 10.10
N GLY B 62 9.75 5.97 10.58
CA GLY B 62 9.72 7.32 10.02
C GLY B 62 11.07 7.66 9.41
N GLY B 63 11.04 8.34 8.27
CA GLY B 63 12.29 8.71 7.64
C GLY B 63 12.07 9.51 6.38
N SER B 64 13.12 9.58 5.57
CA SER B 64 13.13 10.39 4.37
C SER B 64 13.79 9.61 3.23
N VAL B 65 13.42 9.96 1.99
CA VAL B 65 13.88 9.29 0.78
C VAL B 65 15.08 10.03 0.18
N GLN B 66 16.15 9.28 -0.12
CA GLN B 66 17.30 9.85 -0.78
C GLN B 66 16.96 10.21 -2.22
N GLY B 67 17.51 11.34 -2.68
CA GLY B 67 17.36 11.79 -4.05
C GLY B 67 18.37 11.19 -5.00
N ASP B 68 18.49 11.83 -6.17
CA ASP B 68 19.29 11.31 -7.28
C ASP B 68 20.75 11.77 -7.25
N TYR B 69 21.06 12.89 -6.62
CA TYR B 69 22.42 13.39 -6.55
C TYR B 69 23.05 12.95 -5.24
N TYR B 70 24.37 12.72 -5.27
CA TYR B 70 25.09 12.33 -4.07
C TYR B 70 24.81 13.34 -2.96
N GLY B 71 24.44 12.82 -1.79
CA GLY B 71 24.22 13.64 -0.63
C GLY B 71 22.83 14.18 -0.46
N ASP B 72 21.94 14.00 -1.43
CA ASP B 72 20.60 14.60 -1.36
C ASP B 72 19.66 13.71 -0.55
N LEU B 73 18.97 14.33 0.41
CA LEU B 73 17.93 13.66 1.18
C LEU B 73 16.72 14.58 1.23
N ALA B 74 15.54 14.09 0.82
CA ALA B 74 14.36 14.96 0.89
C ALA B 74 14.15 15.50 2.30
N ALA B 75 13.71 16.76 2.39
CA ALA B 75 13.51 17.37 3.71
C ALA B 75 12.34 16.75 4.46
N ARG B 76 11.31 16.31 3.73
CA ARG B 76 10.11 15.79 4.35
CA ARG B 76 10.11 15.79 4.35
C ARG B 76 10.34 14.45 5.02
N LEU B 77 9.79 14.30 6.22
CA LEU B 77 9.71 13.05 6.93
C LEU B 77 8.34 12.44 6.71
N GLY B 78 8.29 11.12 6.65
CA GLY B 78 7.00 10.42 6.63
C GLY B 78 7.17 9.00 7.10
N TYR B 79 6.05 8.33 7.29
CA TYR B 79 6.03 6.96 7.79
C TYR B 79 5.88 5.94 6.67
N PHE B 80 6.40 4.75 6.91
CA PHE B 80 6.29 3.66 5.94
C PHE B 80 6.41 2.34 6.71
N PRO B 81 5.92 1.24 6.15
CA PRO B 81 6.07 -0.04 6.84
C PRO B 81 7.52 -0.50 6.85
N SER B 82 8.02 -0.87 8.02
CA SER B 82 9.39 -1.34 8.11
C SER B 82 9.68 -2.49 7.16
N SER B 83 8.68 -3.33 6.89
N SER B 83 8.67 -3.32 6.90
CA SER B 83 8.91 -4.54 6.14
CA SER B 83 8.86 -4.55 6.15
C SER B 83 9.32 -4.26 4.71
C SER B 83 9.19 -4.30 4.69
N ILE B 84 9.03 -3.08 4.18
CA ILE B 84 9.34 -2.83 2.78
C ILE B 84 10.82 -2.51 2.56
N VAL B 85 11.60 -2.36 3.63
CA VAL B 85 13.02 -2.01 3.47
C VAL B 85 13.92 -3.05 4.10
N ARG B 86 15.16 -3.07 3.60
CA ARG B 86 16.27 -3.83 4.17
C ARG B 86 17.27 -2.84 4.75
N GLU B 87 17.49 -2.90 6.06
CA GLU B 87 18.48 -2.04 6.69
C GLU B 87 19.86 -2.50 6.30
N ASP B 88 20.65 -1.59 5.74
CA ASP B 88 21.98 -1.94 5.27
C ASP B 88 23.09 -1.43 6.16
N GLN B 89 22.86 -0.35 6.91
CA GLN B 89 23.86 0.19 7.82
CA GLN B 89 23.86 0.17 7.83
C GLN B 89 23.13 0.73 9.03
N THR B 90 23.50 0.26 10.22
CA THR B 90 23.07 0.89 11.47
C THR B 90 24.01 2.04 11.74
N LEU B 91 23.46 3.24 11.76
CA LEU B 91 24.24 4.44 11.95
C LEU B 91 24.37 4.78 13.43
N LYS B 92 23.30 4.62 14.18
CA LYS B 92 23.31 4.92 15.60
C LYS B 92 22.21 4.06 16.19
N PRO B 93 22.44 3.39 17.32
CA PRO B 93 21.38 2.55 17.91
C PRO B 93 20.11 3.37 18.10
N GLY B 94 18.98 2.79 17.70
CA GLY B 94 17.72 3.47 17.96
C GLY B 94 17.12 3.04 19.28
N LYS B 95 17.68 3.49 20.40
CA LYS B 95 17.25 2.99 21.69
C LYS B 95 16.81 4.09 22.65
N VAL B 96 16.66 5.32 22.19
CA VAL B 96 16.16 6.42 23.03
C VAL B 96 14.64 6.37 22.93
N ASP B 97 13.96 6.08 24.04
CA ASP B 97 12.52 5.84 24.08
C ASP B 97 11.85 7.14 24.46
N VAL B 98 11.13 7.73 23.50
CA VAL B 98 10.56 9.08 23.57
C VAL B 98 9.05 8.99 23.36
N LYS B 99 8.30 9.84 24.07
CA LYS B 99 6.90 10.02 23.76
C LYS B 99 6.79 10.68 22.39
N THR B 100 5.75 10.34 21.64
CA THR B 100 5.50 11.07 20.40
C THR B 100 4.82 12.37 20.74
N ASP B 101 5.10 13.41 19.92
CA ASP B 101 4.49 14.73 20.07
C ASP B 101 3.56 14.99 18.88
N LYS B 102 2.92 16.17 18.90
CA LYS B 102 1.93 16.49 17.85
C LYS B 102 2.59 16.77 16.51
N TRP B 103 3.79 17.36 16.54
CA TRP B 103 4.53 17.53 15.30
C TRP B 103 4.72 16.17 14.60
N ASP B 104 4.72 15.06 15.35
CA ASP B 104 5.15 13.76 14.81
C ASP B 104 4.15 13.15 13.81
N PHE B 105 2.87 13.56 13.84
CA PHE B 105 1.90 13.04 12.88
C PHE B 105 1.26 14.16 12.07
N TYR B 106 1.88 15.32 12.10
CA TYR B 106 1.45 16.45 11.28
C TYR B 106 2.20 16.38 9.95
N CYS B 107 1.47 16.49 8.86
CA CYS B 107 2.06 16.21 7.56
C CYS B 107 3.04 17.27 7.14
N GLN B 108 4.16 16.83 6.55
CA GLN B 108 5.19 17.74 6.07
C GLN B 108 5.30 17.73 4.54
#